data_5W52
# 
_entry.id   5W52 
# 
_audit_conform.dict_name       mmcif_pdbx.dic 
_audit_conform.dict_version    5.389 
_audit_conform.dict_location   http://mmcif.pdb.org/dictionaries/ascii/mmcif_pdbx.dic 
# 
loop_
_database_2.database_id 
_database_2.database_code 
_database_2.pdbx_database_accession 
_database_2.pdbx_DOI 
PDB   5W52         pdb_00005w52 10.2210/pdb5w52/pdb 
WWPDB D_1000228456 ?            ?                   
EMDB  EMD-8765     ?            ?                   
# 
loop_
_pdbx_audit_revision_history.ordinal 
_pdbx_audit_revision_history.data_content_type 
_pdbx_audit_revision_history.major_revision 
_pdbx_audit_revision_history.minor_revision 
_pdbx_audit_revision_history.revision_date 
1  'Structure model' 1 0 2018-02-21 
2  'Structure model' 1 1 2018-03-14 
3  'Structure model' 1 2 2018-03-28 
4  'Structure model' 1 3 2018-04-18 
5  'Structure model' 1 4 2018-04-25 
6  'Structure model' 1 5 2018-06-06 
7  'Structure model' 1 6 2019-11-27 
8  'Structure model' 1 7 2021-06-30 
9  'Structure model' 1 8 2024-03-13 
10 'Structure model' 1 9 2024-04-03 
# 
_pdbx_audit_revision_details.ordinal             1 
_pdbx_audit_revision_details.revision_ordinal    1 
_pdbx_audit_revision_details.data_content_type   'Structure model' 
_pdbx_audit_revision_details.provider            repository 
_pdbx_audit_revision_details.type                'Initial release' 
_pdbx_audit_revision_details.description         ? 
_pdbx_audit_revision_details.details             ? 
# 
loop_
_pdbx_audit_revision_group.ordinal 
_pdbx_audit_revision_group.revision_ordinal 
_pdbx_audit_revision_group.data_content_type 
_pdbx_audit_revision_group.group 
1  2  'Structure model' 'Database references'        
2  3  'Structure model' 'Data collection'            
3  3  'Structure model' 'Database references'        
4  4  'Structure model' 'Data collection'            
5  4  'Structure model' 'Database references'        
6  5  'Structure model' 'Data collection'            
7  6  'Structure model' 'Data collection'            
8  6  'Structure model' 'Refinement description'     
9  7  'Structure model' 'Author supporting evidence' 
10 8  'Structure model' 'Data collection'            
11 9  'Structure model' 'Data collection'            
12 9  'Structure model' 'Database references'        
13 10 'Structure model' 'Refinement description'     
# 
loop_
_pdbx_audit_revision_category.ordinal 
_pdbx_audit_revision_category.revision_ordinal 
_pdbx_audit_revision_category.data_content_type 
_pdbx_audit_revision_category.category 
1  2  'Structure model' citation                      
2  3  'Structure model' citation                      
3  4  'Structure model' citation                      
4  5  'Structure model' diffrn_source                 
5  6  'Structure model' software                      
6  7  'Structure model' pdbx_audit_support            
7  8  'Structure model' diffrn_detector               
8  9  'Structure model' chem_comp_atom                
9  9  'Structure model' chem_comp_bond                
10 9  'Structure model' database_2                    
11 10 'Structure model' pdbx_initial_refinement_model 
# 
loop_
_pdbx_audit_revision_item.ordinal 
_pdbx_audit_revision_item.revision_ordinal 
_pdbx_audit_revision_item.data_content_type 
_pdbx_audit_revision_item.item 
1  2 'Structure model' '_citation.country'                        
2  2 'Structure model' '_citation.journal_abbrev'                 
3  2 'Structure model' '_citation.journal_id_CSD'                 
4  2 'Structure model' '_citation.journal_id_ISSN'                
5  2 'Structure model' '_citation.pdbx_database_id_DOI'           
6  2 'Structure model' '_citation.title'                          
7  2 'Structure model' '_citation.year'                           
8  3 'Structure model' '_citation.journal_abbrev'                 
9  3 'Structure model' '_citation.pdbx_database_id_PubMed'        
10 3 'Structure model' '_citation.title'                          
11 4 'Structure model' '_citation.journal_volume'                 
12 4 'Structure model' '_citation.page_first'                     
13 4 'Structure model' '_citation.page_last'                      
14 5 'Structure model' '_diffrn_source.source'                    
15 6 'Structure model' '_software.classification'                 
16 7 'Structure model' '_pdbx_audit_support.funding_organization' 
17 8 'Structure model' '_diffrn_detector.detector'                
18 9 'Structure model' '_database_2.pdbx_DOI'                     
19 9 'Structure model' '_database_2.pdbx_database_accession'      
# 
_pdbx_database_status.status_code                     REL 
_pdbx_database_status.status_code_sf                  REL 
_pdbx_database_status.status_code_mr                  ? 
_pdbx_database_status.entry_id                        5W52 
_pdbx_database_status.recvd_initial_deposition_date   2017-06-13 
_pdbx_database_status.SG_entry                        N 
_pdbx_database_status.deposit_site                    RCSB 
_pdbx_database_status.process_site                    RCSB 
_pdbx_database_status.status_code_cs                  ? 
_pdbx_database_status.methods_development_category    ? 
_pdbx_database_status.pdb_format_compatible           Y 
_pdbx_database_status.status_code_nmr_data            ? 
# 
loop_
_pdbx_database_related.db_name 
_pdbx_database_related.details 
_pdbx_database_related.db_id 
_pdbx_database_related.content_type 
PDB  .                                                                                          5W50     unspecified            
EMDB 'MicroED structure of the segment, DLIIKGISVHI, from the RRM2 of TDP-43, residues 247-257' EMD-8765 'associated EM volume' 
# 
loop_
_audit_author.name 
_audit_author.pdbx_ordinal 
_audit_author.identifier_ORCID 
'Guenther, E.L.'  1 ? 
'Sawaya, M.R.'    2 ? 
'Cascio, D.'      3 ? 
'Eisenberg, D.S.' 4 ? 
# 
_citation.abstract                  ? 
_citation.abstract_id_CAS           ? 
_citation.book_id_ISBN              ? 
_citation.book_publisher            ? 
_citation.book_publisher_city       ? 
_citation.book_title                ? 
_citation.coordinate_linkage        ? 
_citation.country                   US 
_citation.database_id_Medline       ? 
_citation.details                   ? 
_citation.id                        primary 
_citation.journal_abbrev            'Nat. Struct. Mol. Biol.' 
_citation.journal_id_ASTM           ? 
_citation.journal_id_CSD            ? 
_citation.journal_id_ISSN           1545-9985 
_citation.journal_full              ? 
_citation.journal_issue             ? 
_citation.journal_volume            25 
_citation.language                  ? 
_citation.page_first                311 
_citation.page_last                 319 
_citation.title                     
'Atomic-level evidence for packing and positional amyloid polymorphism by segment from TDP-43 RRM2.' 
_citation.year                      2018 
_citation.database_id_CSD           ? 
_citation.pdbx_database_id_DOI      10.1038/s41594-018-0045-5 
_citation.pdbx_database_id_PubMed   29531287 
_citation.unpublished_flag          ? 
# 
loop_
_citation_author.citation_id 
_citation_author.name 
_citation_author.ordinal 
_citation_author.identifier_ORCID 
primary 'Guenther, E.L.'  1 ? 
primary 'Ge, P.'          2 ? 
primary 'Trinh, H.'       3 ? 
primary 'Sawaya, M.R.'    4 ? 
primary 'Cascio, D.'      5 ? 
primary 'Boyer, D.R.'     6 ? 
primary 'Gonen, T.'       7 ? 
primary 'Zhou, Z.H.'      8 ? 
primary 'Eisenberg, D.S.' 9 ? 
# 
_entity.id                         1 
_entity.type                       polymer 
_entity.src_method                 syn 
_entity.pdbx_description           'TAR DNA-binding protein 43' 
_entity.formula_weight             1209.479 
_entity.pdbx_number_of_molecules   1 
_entity.pdbx_ec                    ? 
_entity.pdbx_mutation              ? 
_entity.pdbx_fragment              'RRM2 peptide (UNP residues 247-257)' 
_entity.details                    ? 
# 
_entity_name_com.entity_id   1 
_entity_name_com.name        'TDP-43, DLIIKGISVHI' 
# 
_entity_poly.entity_id                      1 
_entity_poly.type                           'polypeptide(L)' 
_entity_poly.nstd_linkage                   no 
_entity_poly.nstd_monomer                   no 
_entity_poly.pdbx_seq_one_letter_code       DLIIKGISVHI 
_entity_poly.pdbx_seq_one_letter_code_can   DLIIKGISVHI 
_entity_poly.pdbx_strand_id                 A 
_entity_poly.pdbx_target_identifier         ? 
# 
loop_
_entity_poly_seq.entity_id 
_entity_poly_seq.num 
_entity_poly_seq.mon_id 
_entity_poly_seq.hetero 
1 1  ASP n 
1 2  LEU n 
1 3  ILE n 
1 4  ILE n 
1 5  LYS n 
1 6  GLY n 
1 7  ILE n 
1 8  SER n 
1 9  VAL n 
1 10 HIS n 
1 11 ILE n 
# 
_pdbx_entity_src_syn.entity_id              1 
_pdbx_entity_src_syn.pdbx_src_id            1 
_pdbx_entity_src_syn.pdbx_alt_source_flag   sample 
_pdbx_entity_src_syn.pdbx_beg_seq_num       1 
_pdbx_entity_src_syn.pdbx_end_seq_num       11 
_pdbx_entity_src_syn.organism_scientific    'Homo sapiens' 
_pdbx_entity_src_syn.organism_common_name   Human 
_pdbx_entity_src_syn.ncbi_taxonomy_id       9606 
_pdbx_entity_src_syn.details                ? 
# 
loop_
_chem_comp.id 
_chem_comp.type 
_chem_comp.mon_nstd_flag 
_chem_comp.name 
_chem_comp.pdbx_synonyms 
_chem_comp.formula 
_chem_comp.formula_weight 
ASP 'L-peptide linking' y 'ASPARTIC ACID' ? 'C4 H7 N O4'     133.103 
GLY 'peptide linking'   y GLYCINE         ? 'C2 H5 N O2'     75.067  
HIS 'L-peptide linking' y HISTIDINE       ? 'C6 H10 N3 O2 1' 156.162 
ILE 'L-peptide linking' y ISOLEUCINE      ? 'C6 H13 N O2'    131.173 
LEU 'L-peptide linking' y LEUCINE         ? 'C6 H13 N O2'    131.173 
LYS 'L-peptide linking' y LYSINE          ? 'C6 H15 N2 O2 1' 147.195 
SER 'L-peptide linking' y SERINE          ? 'C3 H7 N O3'     105.093 
VAL 'L-peptide linking' y VALINE          ? 'C5 H11 N O2'    117.146 
# 
loop_
_pdbx_poly_seq_scheme.asym_id 
_pdbx_poly_seq_scheme.entity_id 
_pdbx_poly_seq_scheme.seq_id 
_pdbx_poly_seq_scheme.mon_id 
_pdbx_poly_seq_scheme.ndb_seq_num 
_pdbx_poly_seq_scheme.pdb_seq_num 
_pdbx_poly_seq_scheme.auth_seq_num 
_pdbx_poly_seq_scheme.pdb_mon_id 
_pdbx_poly_seq_scheme.auth_mon_id 
_pdbx_poly_seq_scheme.pdb_strand_id 
_pdbx_poly_seq_scheme.pdb_ins_code 
_pdbx_poly_seq_scheme.hetero 
A 1 1  ASP 1  1  1  ASP ASP A . n 
A 1 2  LEU 2  2  2  LEU LEU A . n 
A 1 3  ILE 3  3  3  ILE ILE A . n 
A 1 4  ILE 4  4  4  ILE ILE A . n 
A 1 5  LYS 5  5  5  LYS LYS A . n 
A 1 6  GLY 6  6  6  GLY GLY A . n 
A 1 7  ILE 7  7  7  ILE ILE A . n 
A 1 8  SER 8  8  8  SER SER A . n 
A 1 9  VAL 9  9  9  VAL VAL A . n 
A 1 10 HIS 10 10 10 HIS HIS A . n 
A 1 11 ILE 11 11 11 ILE ILE A . n 
# 
loop_
_software.citation_id 
_software.classification 
_software.compiler_name 
_software.compiler_version 
_software.contact_author 
_software.contact_author_email 
_software.date 
_software.description 
_software.dependencies 
_software.hardware 
_software.language 
_software.location 
_software.mods 
_software.name 
_software.os 
_software.os_version 
_software.type 
_software.version 
_software.pdbx_ordinal 
? 'data scaling'    ? ? 'Wolfgang Kabsch'    ?                           ?                ? ? ? ?          
http://www.mpimf-heidelberg.mpg.de/~kabsch/xds/html_doc/xscale_program.html ? XSCALE      ? ? package .    1 
? phasing           ? ? 'Randy J. Read'      cimr-phaser@lists.cam.ac.uk ?                ? ? ? ?          
http://www-structmed.cimr.cam.ac.uk/phaser/                                 ? PHASER      ? ? program .    2 
? refinement        ? ? 'Garib N. Murshudov' garib@ysbl.york.ac.uk       ?                ? ? ? Fortran_77 
http://www.ccp4.ac.uk/dist/html/refmac5.html                                ? REFMAC      ? ? program .    3 
? 'data extraction' ? ? PDB                  deposit@deposit.rcsb.org    'July. 13, 2016' ? ? ? C++        
http://sw-tools.pdb.org/apps/PDB_EXTRACT/                                   ? PDB_EXTRACT ? ? package 3.22 4 
? 'data reduction'  ? ? ?                    ?                           ?                ? ? ? ?          ? ? XDS         ? ? ? . 
5 
# 
_cell.angle_alpha                  80.880 
_cell.angle_alpha_esd              ? 
_cell.angle_beta                   86.370 
_cell.angle_beta_esd               ? 
_cell.angle_gamma                  89.780 
_cell.angle_gamma_esd              ? 
_cell.entry_id                     5W52 
_cell.details                      ? 
_cell.formula_units_Z              ? 
_cell.length_a                     24.810 
_cell.length_a_esd                 ? 
_cell.length_b                     4.730 
_cell.length_b_esd                 ? 
_cell.length_c                     15.830 
_cell.length_c_esd                 ? 
_cell.volume                       ? 
_cell.volume_esd                   ? 
_cell.Z_PDB                        1 
_cell.reciprocal_angle_alpha       ? 
_cell.reciprocal_angle_beta        ? 
_cell.reciprocal_angle_gamma       ? 
_cell.reciprocal_angle_alpha_esd   ? 
_cell.reciprocal_angle_beta_esd    ? 
_cell.reciprocal_angle_gamma_esd   ? 
_cell.reciprocal_length_a          ? 
_cell.reciprocal_length_b          ? 
_cell.reciprocal_length_c          ? 
_cell.reciprocal_length_a_esd      ? 
_cell.reciprocal_length_b_esd      ? 
_cell.reciprocal_length_c_esd      ? 
_cell.pdbx_unique_axis             ? 
# 
_symmetry.entry_id                         5W52 
_symmetry.cell_setting                     ? 
_symmetry.Int_Tables_number                1 
_symmetry.space_group_name_Hall            ? 
_symmetry.space_group_name_H-M             'P 1' 
_symmetry.pdbx_full_space_group_name_H-M   ? 
# 
_exptl.absorpt_coefficient_mu     ? 
_exptl.absorpt_correction_T_max   ? 
_exptl.absorpt_correction_T_min   ? 
_exptl.absorpt_correction_type    ? 
_exptl.absorpt_process_details    ? 
_exptl.entry_id                   5W52 
_exptl.crystals_number            ? 
_exptl.details                    ? 
_exptl.method                     'ELECTRON CRYSTALLOGRAPHY' 
_exptl.method_details             ? 
# 
_exptl_crystal.colour                      ? 
_exptl_crystal.density_diffrn              ? 
_exptl_crystal.density_Matthews            1.51 
_exptl_crystal.density_method              ? 
_exptl_crystal.density_percent_sol         18.73 
_exptl_crystal.description                 ? 
_exptl_crystal.F_000                       ? 
_exptl_crystal.id                          1 
_exptl_crystal.preparation                 ? 
_exptl_crystal.size_max                    ? 
_exptl_crystal.size_mid                    ? 
_exptl_crystal.size_min                    ? 
_exptl_crystal.size_rad                    ? 
_exptl_crystal.colour_lustre               ? 
_exptl_crystal.colour_modifier             ? 
_exptl_crystal.colour_primary              ? 
_exptl_crystal.density_meas                ? 
_exptl_crystal.density_meas_esd            ? 
_exptl_crystal.density_meas_gt             ? 
_exptl_crystal.density_meas_lt             ? 
_exptl_crystal.density_meas_temp           ? 
_exptl_crystal.density_meas_temp_esd       ? 
_exptl_crystal.density_meas_temp_gt        ? 
_exptl_crystal.density_meas_temp_lt        ? 
_exptl_crystal.pdbx_crystal_image_url      ? 
_exptl_crystal.pdbx_crystal_image_format   ? 
_exptl_crystal.pdbx_mosaicity              ? 
_exptl_crystal.pdbx_mosaicity_esd          ? 
# 
_exptl_crystal_grow.apparatus       ? 
_exptl_crystal_grow.atmosphere      ? 
_exptl_crystal_grow.crystal_id      1 
_exptl_crystal_grow.details         ? 
_exptl_crystal_grow.method          BATCH 
_exptl_crystal_grow.method_ref      ? 
_exptl_crystal_grow.pH              8.5 
_exptl_crystal_grow.pressure        ? 
_exptl_crystal_grow.pressure_esd    ? 
_exptl_crystal_grow.seeding         ? 
_exptl_crystal_grow.seeding_ref     ? 
_exptl_crystal_grow.temp            310 
_exptl_crystal_grow.temp_details    ? 
_exptl_crystal_grow.temp_esd        ? 
_exptl_crystal_grow.time            ? 
_exptl_crystal_grow.pdbx_details    '50 mM CHES, pH 8.5' 
_exptl_crystal_grow.pdbx_pH_range   ? 
# 
_diffrn.ambient_environment              ? 
_diffrn.ambient_temp                     100 
_diffrn.ambient_temp_details             ? 
_diffrn.ambient_temp_esd                 ? 
_diffrn.crystal_id                       1 
_diffrn.crystal_support                  ? 
_diffrn.crystal_treatment                ? 
_diffrn.details                          ? 
_diffrn.id                               1 
_diffrn.ambient_pressure                 ? 
_diffrn.ambient_pressure_esd             ? 
_diffrn.ambient_pressure_gt              ? 
_diffrn.ambient_pressure_lt              ? 
_diffrn.ambient_temp_gt                  ? 
_diffrn.ambient_temp_lt                  ? 
_diffrn.pdbx_serial_crystal_experiment   ? 
# 
_diffrn_detector.details                      ? 
_diffrn_detector.detector                     CMOS 
_diffrn_detector.diffrn_id                    1 
_diffrn_detector.type                         'TVIPS F416 CMOS CAMERA' 
_diffrn_detector.area_resol_mean              ? 
_diffrn_detector.dtime                        ? 
_diffrn_detector.pdbx_frames_total            ? 
_diffrn_detector.pdbx_collection_time_total   ? 
_diffrn_detector.pdbx_collection_date         2017-01-19 
# 
_diffrn_radiation_wavelength.id           1 
_diffrn_radiation_wavelength.wavelength   0.0251 
_diffrn_radiation_wavelength.wt           1.0 
# 
_diffrn_source.current                     ? 
_diffrn_source.details                     ? 
_diffrn_source.diffrn_id                   1 
_diffrn_source.power                       ? 
_diffrn_source.size                        ? 
_diffrn_source.source                      'ELECTRON MICROSCOPE' 
_diffrn_source.target                      ? 
_diffrn_source.type                        'TECNAI F20 TEM' 
_diffrn_source.voltage                     ? 
_diffrn_source.take-off_angle              ? 
_diffrn_source.pdbx_wavelength_list        0.0251 
_diffrn_source.pdbx_wavelength             ? 
_diffrn_source.pdbx_synchrotron_beamline   ? 
_diffrn_source.pdbx_synchrotron_site       ? 
# 
_reflns.B_iso_Wilson_estimate            21.481 
_reflns.entry_id                         5W52 
_reflns.data_reduction_details           ? 
_reflns.data_reduction_method            ? 
_reflns.d_resolution_high                1.400 
_reflns.d_resolution_low                 15.600 
_reflns.details                          ? 
_reflns.limit_h_max                      ? 
_reflns.limit_h_min                      ? 
_reflns.limit_k_max                      ? 
_reflns.limit_k_min                      ? 
_reflns.limit_l_max                      ? 
_reflns.limit_l_min                      ? 
_reflns.number_all                       ? 
_reflns.number_obs                       1037 
_reflns.observed_criterion               ? 
_reflns.observed_criterion_F_max         ? 
_reflns.observed_criterion_F_min         ? 
_reflns.observed_criterion_I_max         ? 
_reflns.observed_criterion_I_min         ? 
_reflns.observed_criterion_sigma_F       ? 
_reflns.observed_criterion_sigma_I       -3.000 
_reflns.percent_possible_obs             73.400 
_reflns.R_free_details                   ? 
_reflns.Rmerge_F_all                     ? 
_reflns.Rmerge_F_obs                     ? 
_reflns.Friedel_coverage                 ? 
_reflns.number_gt                        ? 
_reflns.threshold_expression             ? 
_reflns.pdbx_redundancy                  9.019 
_reflns.pdbx_Rmerge_I_obs                0.203 
_reflns.pdbx_Rmerge_I_all                ? 
_reflns.pdbx_Rsym_value                  ? 
_reflns.pdbx_netI_over_av_sigmaI         ? 
_reflns.pdbx_netI_over_sigmaI            3.340 
_reflns.pdbx_res_netI_over_av_sigmaI_2   ? 
_reflns.pdbx_res_netI_over_sigmaI_2      ? 
_reflns.pdbx_chi_squared                 0.595 
_reflns.pdbx_scaling_rejects             1 
_reflns.pdbx_d_res_high_opt              ? 
_reflns.pdbx_d_res_low_opt               ? 
_reflns.pdbx_d_res_opt_method            ? 
_reflns.phase_calculation_details        ? 
_reflns.pdbx_Rrim_I_all                  0.213 
_reflns.pdbx_Rpim_I_all                  ? 
_reflns.pdbx_d_opt                       ? 
_reflns.pdbx_number_measured_all         9353 
_reflns.pdbx_diffrn_id                   1 
_reflns.pdbx_ordinal                     1 
_reflns.pdbx_CC_half                     0.992 
_reflns.pdbx_R_split                     ? 
_reflns.pdbx_CC_star                     ? 
# 
loop_
_reflns_shell.d_res_high 
_reflns_shell.d_res_low 
_reflns_shell.meanI_over_sigI_all 
_reflns_shell.meanI_over_sigI_obs 
_reflns_shell.number_measured_all 
_reflns_shell.number_measured_obs 
_reflns_shell.number_possible 
_reflns_shell.number_unique_all 
_reflns_shell.number_unique_obs 
_reflns_shell.percent_possible_all 
_reflns_shell.percent_possible_obs 
_reflns_shell.Rmerge_F_all 
_reflns_shell.Rmerge_F_obs 
_reflns_shell.Rmerge_I_all 
_reflns_shell.Rmerge_I_obs 
_reflns_shell.meanI_over_sigI_gt 
_reflns_shell.meanI_over_uI_all 
_reflns_shell.meanI_over_uI_gt 
_reflns_shell.number_measured_gt 
_reflns_shell.number_unique_gt 
_reflns_shell.percent_possible_gt 
_reflns_shell.Rmerge_F_gt 
_reflns_shell.Rmerge_I_gt 
_reflns_shell.pdbx_redundancy 
_reflns_shell.pdbx_Rsym_value 
_reflns_shell.pdbx_chi_squared 
_reflns_shell.pdbx_netI_over_sigmaI_all 
_reflns_shell.pdbx_netI_over_sigmaI_obs 
_reflns_shell.pdbx_Rrim_I_all 
_reflns_shell.pdbx_Rpim_I_all 
_reflns_shell.pdbx_rejects 
_reflns_shell.pdbx_ordinal 
_reflns_shell.pdbx_diffrn_id 
_reflns_shell.pdbx_CC_half 
_reflns_shell.pdbx_R_split 
_reflns_shell.pdbx_CC_star 
1.400 1.480  ? 0.920 ? 933  224 ? 139 62.100 ? ? ? ? 1.451 ? ? ? ? ? ? ? ? 6.712  ? ? ? ? 1.562 ? ? 1  1 0.333 ? ? 
1.480 1.570  ? 2.110 ? 1807 220 ? 180 81.800 ? ? ? ? 0.756 ? ? ? ? ? ? ? ? 10.039 ? ? ? ? 0.794 ? ? 2  1 0.817 ? ? 
1.570 1.670  ? 2.260 ? 827  156 ? 110 70.500 ? ? ? ? 0.373 ? ? ? ? ? ? ? ? 7.518  ? ? ? ? 0.396 ? ? 3  1 0.989 ? ? 
1.670 1.810  ? 1.970 ? 1009 156 ? 119 76.300 ? ? ? ? 1.012 ? ? ? ? ? ? ? ? 8.479  ? ? ? ? 1.077 ? ? 4  1 0.709 ? ? 
1.810 1.980  ? 3.410 ? 1091 154 ? 116 75.300 ? ? ? ? 0.485 ? ? ? ? ? ? ? ? 9.405  ? ? ? ? 0.510 ? ? 5  1 0.946 ? ? 
1.980 2.210  ? 4.820 ? 1242 157 ? 116 73.900 ? ? ? ? 0.381 ? ? ? ? ? ? ? ? 10.707 ? ? ? ? 0.403 ? ? 6  1 0.907 ? ? 
2.210 2.560  ? 5.080 ? 919  121 ? 88  72.700 ? ? ? ? 0.241 ? ? ? ? ? ? ? ? 10.443 ? ? ? ? 0.256 ? ? 7  1 0.927 ? ? 
2.560 3.130  ? 4.970 ? 536  95  ? 69  72.600 ? ? ? ? 0.287 ? ? ? ? ? ? ? ? 7.768  ? ? ? ? 0.304 ? ? 8  1 0.951 ? ? 
3.130 4.430  ? 7.180 ? 772  93  ? 78  83.900 ? ? ? ? 0.191 ? ? ? ? ? ? ? ? 9.897  ? ? ? ? 0.200 ? ? 9  1 0.987 ? ? 
4.430 15.600 ? 7.450 ? 217  37  ? 22  59.500 ? ? ? ? 0.138 ? ? ? ? ? ? ? ? 9.864  ? ? ? ? 0.142 ? ? 10 1 0.998 ? ? 
# 
_refine.aniso_B[1][1]                            20.7800 
_refine.aniso_B[1][2]                            -1.0400 
_refine.aniso_B[1][3]                            -18.0500 
_refine.aniso_B[2][2]                            -25.7700 
_refine.aniso_B[2][3]                            -3.4800 
_refine.aniso_B[3][3]                            4.9800 
_refine.B_iso_max                                91.540 
_refine.B_iso_mean                               33.7560 
_refine.B_iso_min                                15.630 
_refine.correlation_coeff_Fo_to_Fc               0.9720 
_refine.correlation_coeff_Fo_to_Fc_free          0.9180 
_refine.details                                  'HYDROGENS HAVE BEEN ADDED IN THE RIDING POSITIONS' 
_refine.diff_density_max                         ? 
_refine.diff_density_max_esd                     ? 
_refine.diff_density_min                         ? 
_refine.diff_density_min_esd                     ? 
_refine.diff_density_rms                         ? 
_refine.diff_density_rms_esd                     ? 
_refine.entry_id                                 5W52 
_refine.pdbx_refine_id                           'ELECTRON CRYSTALLOGRAPHY' 
_refine.ls_abs_structure_details                 ? 
_refine.ls_abs_structure_Flack                   ? 
_refine.ls_abs_structure_Flack_esd               ? 
_refine.ls_abs_structure_Rogers                  ? 
_refine.ls_abs_structure_Rogers_esd              ? 
_refine.ls_d_res_high                            1.400 
_refine.ls_d_res_low                             15.6000 
_refine.ls_extinction_coef                       ? 
_refine.ls_extinction_coef_esd                   ? 
_refine.ls_extinction_expression                 ? 
_refine.ls_extinction_method                     ? 
_refine.ls_goodness_of_fit_all                   ? 
_refine.ls_goodness_of_fit_all_esd               ? 
_refine.ls_goodness_of_fit_obs                   ? 
_refine.ls_goodness_of_fit_obs_esd               ? 
_refine.ls_hydrogen_treatment                    ? 
_refine.ls_matrix_type                           ? 
_refine.ls_number_constraints                    ? 
_refine.ls_number_parameters                     ? 
_refine.ls_number_reflns_all                     ? 
_refine.ls_number_reflns_obs                     944 
_refine.ls_number_reflns_R_free                  92 
_refine.ls_number_reflns_R_work                  ? 
_refine.ls_number_restraints                     ? 
_refine.ls_percent_reflns_obs                    72.0400 
_refine.ls_percent_reflns_R_free                 8.9000 
_refine.ls_R_factor_all                          ? 
_refine.ls_R_factor_obs                          0.2655 
_refine.ls_R_factor_R_free                       0.3065 
_refine.ls_R_factor_R_free_error                 ? 
_refine.ls_R_factor_R_free_error_details         ? 
_refine.ls_R_factor_R_work                       0.2619 
_refine.ls_R_Fsqd_factor_obs                     ? 
_refine.ls_R_I_factor_obs                        ? 
_refine.ls_redundancy_reflns_all                 ? 
_refine.ls_redundancy_reflns_obs                 ? 
_refine.ls_restrained_S_all                      ? 
_refine.ls_restrained_S_obs                      ? 
_refine.ls_shift_over_esd_max                    ? 
_refine.ls_shift_over_esd_mean                   ? 
_refine.ls_structure_factor_coef                 ? 
_refine.ls_weighting_details                     ? 
_refine.ls_weighting_scheme                      ? 
_refine.ls_wR_factor_all                         ? 
_refine.ls_wR_factor_obs                         ? 
_refine.ls_wR_factor_R_free                      ? 
_refine.ls_wR_factor_R_work                      ? 
_refine.occupancy_max                            ? 
_refine.occupancy_min                            ? 
_refine.solvent_model_details                    ? 
_refine.solvent_model_param_bsol                 ? 
_refine.solvent_model_param_ksol                 ? 
_refine.ls_R_factor_gt                           ? 
_refine.ls_goodness_of_fit_gt                    ? 
_refine.ls_goodness_of_fit_ref                   ? 
_refine.ls_shift_over_su_max                     ? 
_refine.ls_shift_over_su_max_lt                  ? 
_refine.ls_shift_over_su_mean                    ? 
_refine.ls_shift_over_su_mean_lt                 ? 
_refine.pdbx_ls_sigma_I                          ? 
_refine.pdbx_ls_sigma_F                          0.000 
_refine.pdbx_ls_sigma_Fsqd                       ? 
_refine.pdbx_data_cutoff_high_absF               ? 
_refine.pdbx_data_cutoff_high_rms_absF           ? 
_refine.pdbx_data_cutoff_low_absF                ? 
_refine.pdbx_isotropic_thermal_model             ? 
_refine.pdbx_ls_cross_valid_method               THROUGHOUT 
_refine.pdbx_method_to_determine_struct          'MOLECULAR REPLACEMENT' 
_refine.pdbx_starting_model                      'idealized 11-residue beta strand' 
_refine.pdbx_stereochemistry_target_values       ? 
_refine.pdbx_R_Free_selection_details            RANDOM 
_refine.pdbx_stereochem_target_val_spec_case     ? 
_refine.pdbx_overall_ESU_R                       0.0330 
_refine.pdbx_overall_ESU_R_Free                  0.0310 
_refine.pdbx_solvent_vdw_probe_radii             1.2000 
_refine.pdbx_solvent_ion_probe_radii             0.8000 
_refine.pdbx_solvent_shrinkage_radii             0.8000 
_refine.pdbx_real_space_R                        ? 
_refine.pdbx_density_correlation                 ? 
_refine.pdbx_pd_number_of_powder_patterns        ? 
_refine.pdbx_pd_number_of_points                 ? 
_refine.pdbx_pd_meas_number_of_points            ? 
_refine.pdbx_pd_proc_ls_prof_R_factor            ? 
_refine.pdbx_pd_proc_ls_prof_wR_factor           ? 
_refine.pdbx_pd_Marquardt_correlation_coeff      ? 
_refine.pdbx_pd_Fsqrd_R_factor                   ? 
_refine.pdbx_pd_ls_matrix_band_width             ? 
_refine.pdbx_overall_phase_error                 ? 
_refine.pdbx_overall_SU_R_free_Cruickshank_DPI   ? 
_refine.pdbx_overall_SU_R_free_Blow_DPI          ? 
_refine.pdbx_overall_SU_R_Blow_DPI               ? 
_refine.pdbx_TLS_residual_ADP_flag               ? 
_refine.pdbx_diffrn_id                           1 
_refine.overall_SU_B                             3.7880 
_refine.overall_SU_ML                            0.1040 
_refine.overall_SU_R_Cruickshank_DPI             0.0326 
_refine.overall_SU_R_free                        ? 
_refine.overall_FOM_free_R_set                   ? 
_refine.overall_FOM_work_R_set                   ? 
_refine.pdbx_average_fsc_overall                 ? 
_refine.pdbx_average_fsc_work                    ? 
_refine.pdbx_average_fsc_free                    ? 
# 
_refine_hist.cycle_id                         final 
_refine_hist.pdbx_refine_id                   'X-RAY DIFFRACTION' 
_refine_hist.d_res_high                       1.3900 
_refine_hist.d_res_low                        15.6000 
_refine_hist.pdbx_number_atoms_ligand         0 
_refine_hist.number_atoms_solvent             0 
_refine_hist.number_atoms_total               84 
_refine_hist.pdbx_number_residues_total       11 
_refine_hist.pdbx_number_atoms_protein        84 
_refine_hist.pdbx_number_atoms_nucleic_acid   0 
# 
loop_
_refine_ls_restr.pdbx_refine_id 
_refine_ls_restr.criterion 
_refine_ls_restr.dev_ideal 
_refine_ls_restr.dev_ideal_target 
_refine_ls_restr.number 
_refine_ls_restr.rejects 
_refine_ls_restr.type 
_refine_ls_restr.weight 
_refine_ls_restr.pdbx_restraint_function 
'ELECTRON CRYSTALLOGRAPHY' ? 0.009  0.019  84  ? r_bond_refined_d       ? ? 
'ELECTRON CRYSTALLOGRAPHY' ? 0.017  0.020  98  ? r_bond_other_d         ? ? 
'ELECTRON CRYSTALLOGRAPHY' ? 1.211  1.979  112 ? r_angle_refined_deg    ? ? 
'ELECTRON CRYSTALLOGRAPHY' ? 0.776  3.000  225 ? r_angle_other_deg      ? ? 
'ELECTRON CRYSTALLOGRAPHY' ? 6.438  5.000  10  ? r_dihedral_angle_1_deg ? ? 
'ELECTRON CRYSTALLOGRAPHY' ? 23.273 25.000 2   ? r_dihedral_angle_2_deg ? ? 
'ELECTRON CRYSTALLOGRAPHY' ? 7.470  15.000 18  ? r_dihedral_angle_3_deg ? ? 
'ELECTRON CRYSTALLOGRAPHY' ? 0.079  0.200  16  ? r_chiral_restr         ? ? 
'ELECTRON CRYSTALLOGRAPHY' ? 0.004  0.020  80  ? r_gen_planes_refined   ? ? 
'ELECTRON CRYSTALLOGRAPHY' ? 0.000  0.020  14  ? r_gen_planes_other     ? ? 
# 
_refine_ls_shell.pdbx_refine_id                   'ELECTRON CRYSTALLOGRAPHY' 
_refine_ls_shell.d_res_high                       1.3920 
_refine_ls_shell.d_res_low                        1.4280 
_refine_ls_shell.number_reflns_all                46 
_refine_ls_shell.number_reflns_obs                ? 
_refine_ls_shell.number_reflns_R_free             3 
_refine_ls_shell.number_reflns_R_work             43 
_refine_ls_shell.percent_reflns_obs               36.2200 
_refine_ls_shell.percent_reflns_R_free            ? 
_refine_ls_shell.R_factor_all                     ? 
_refine_ls_shell.R_factor_obs                     ? 
_refine_ls_shell.R_factor_R_free                  0.5350 
_refine_ls_shell.R_factor_R_free_error            0.0000 
_refine_ls_shell.R_factor_R_work                  0.4090 
_refine_ls_shell.redundancy_reflns_all            ? 
_refine_ls_shell.redundancy_reflns_obs            ? 
_refine_ls_shell.wR_factor_all                    ? 
_refine_ls_shell.wR_factor_obs                    ? 
_refine_ls_shell.wR_factor_R_free                 ? 
_refine_ls_shell.wR_factor_R_work                 ? 
_refine_ls_shell.pdbx_total_number_of_bins_used   20 
_refine_ls_shell.pdbx_phase_error                 ? 
_refine_ls_shell.pdbx_fsc_work                    ? 
_refine_ls_shell.pdbx_fsc_free                    ? 
# 
_struct.entry_id                     5W52 
_struct.title                        'MicroED structure of the segment, DLIIKGISVHI, from the RRM2 of TDP-43, residues 247-257' 
_struct.pdbx_model_details           ? 
_struct.pdbx_formula_weight          ? 
_struct.pdbx_formula_weight_method   ? 
_struct.pdbx_model_type_details      ? 
_struct.pdbx_CASP_flag               N 
# 
_struct_keywords.entry_id        5W52 
_struct_keywords.text            'Amyloid, steric zipper, PROTEIN FIBRIL' 
_struct_keywords.pdbx_keywords   'PROTEIN FIBRIL' 
# 
_struct_asym.id                            A 
_struct_asym.pdbx_blank_PDB_chainid_flag   N 
_struct_asym.pdbx_modified                 N 
_struct_asym.entity_id                     1 
_struct_asym.details                       ? 
# 
_struct_ref.id                         1 
_struct_ref.db_name                    UNP 
_struct_ref.db_code                    TADBP_HUMAN 
_struct_ref.pdbx_db_accession          Q13148 
_struct_ref.pdbx_db_isoform            ? 
_struct_ref.entity_id                  1 
_struct_ref.pdbx_seq_one_letter_code   DLIIKGISVHI 
_struct_ref.pdbx_align_begin           247 
# 
_struct_ref_seq.align_id                      1 
_struct_ref_seq.ref_id                        1 
_struct_ref_seq.pdbx_PDB_id_code              5W52 
_struct_ref_seq.pdbx_strand_id                A 
_struct_ref_seq.seq_align_beg                 1 
_struct_ref_seq.pdbx_seq_align_beg_ins_code   ? 
_struct_ref_seq.seq_align_end                 11 
_struct_ref_seq.pdbx_seq_align_end_ins_code   ? 
_struct_ref_seq.pdbx_db_accession             Q13148 
_struct_ref_seq.db_align_beg                  247 
_struct_ref_seq.pdbx_db_align_beg_ins_code    ? 
_struct_ref_seq.db_align_end                  257 
_struct_ref_seq.pdbx_db_align_end_ins_code    ? 
_struct_ref_seq.pdbx_auth_seq_align_beg       1 
_struct_ref_seq.pdbx_auth_seq_align_end       11 
# 
_pdbx_struct_assembly.id                   1 
_pdbx_struct_assembly.details              author_defined_assembly 
_pdbx_struct_assembly.method_details       ? 
_pdbx_struct_assembly.oligomeric_details   decameric 
_pdbx_struct_assembly.oligomeric_count     10 
# 
loop_
_pdbx_struct_assembly_gen.assembly_id 
_pdbx_struct_assembly_gen.oper_expression 
_pdbx_struct_assembly_gen.asym_id_list 
1 1  A 
1 2  A 
1 3  A 
1 4  A 
1 5  A 
1 6  A 
1 7  A 
1 8  A 
1 9  A 
1 10 A 
# 
_pdbx_struct_assembly_auth_evidence.id                     1 
_pdbx_struct_assembly_auth_evidence.assembly_id            1 
_pdbx_struct_assembly_auth_evidence.experimental_support   none 
_pdbx_struct_assembly_auth_evidence.details                ? 
# 
loop_
_pdbx_struct_oper_list.id 
_pdbx_struct_oper_list.type 
_pdbx_struct_oper_list.name 
_pdbx_struct_oper_list.symmetry_operation 
_pdbx_struct_oper_list.matrix[1][1] 
_pdbx_struct_oper_list.matrix[1][2] 
_pdbx_struct_oper_list.matrix[1][3] 
_pdbx_struct_oper_list.vector[1] 
_pdbx_struct_oper_list.matrix[2][1] 
_pdbx_struct_oper_list.matrix[2][2] 
_pdbx_struct_oper_list.matrix[2][3] 
_pdbx_struct_oper_list.vector[2] 
_pdbx_struct_oper_list.matrix[3][1] 
_pdbx_struct_oper_list.matrix[3][2] 
_pdbx_struct_oper_list.matrix[3][3] 
_pdbx_struct_oper_list.vector[3] 
1  'identity operation'         1_555 x,y,z     1.0000000000 0.0000000000 0.0000000000 0.0000000000  0.0000000000 1.0000000000 0.0000000000 0.0000000000  0.0000000000 0.0000000000 1.0000000000 0.0000000000   
2  'crystal symmetry operation' 1_565 x,y+1,z   1.0000000000 0.0000000000 0.0000000000 -1.9948991289 0.0000000000 1.0000000000 0.0000000000 3.9117088946  0.0000000000 0.0000000000 1.0000000000 1.7583546256   
3  'crystal symmetry operation' 1_575 x,y+2,z   1.0000000000 0.0000000000 0.0000000000 -3.9897982580 0.0000000000 1.0000000000 0.0000000000 7.8234177891  0.0000000000 0.0000000000 1.0000000000 3.5167092513   
4  'crystal symmetry operation' 1_545 x,y-1,z   1.0000000000 0.0000000000 0.0000000000 1.9948991289  0.0000000000 1.0000000000 0.0000000000 -3.9117088946 0.0000000000 0.0000000000 1.0000000000 -1.7583546256  
5  'crystal symmetry operation' 1_535 x,y-2,z   1.0000000000 0.0000000000 0.0000000000 3.9897982580  0.0000000000 1.0000000000 0.0000000000 -7.8234177891 0.0000000000 0.0000000000 1.0000000000 -3.5167092513  
6  'crystal symmetry operation' 1_554 x,y,z-1   1.0000000000 0.0000000000 0.0000000000 -3.2735165796 0.0000000000 1.0000000000 0.0000000000 2.1886698579  0.0000000000 0.0000000000 1.0000000000 -15.3324072948 
7  'crystal symmetry operation' 1_564 x,y+1,z-1 1.0000000000 0.0000000000 0.0000000000 -5.2684157086 0.0000000000 1.0000000000 0.0000000000 6.1003787525  0.0000000000 0.0000000000 1.0000000000 -13.5740526692 
8  'crystal symmetry operation' 1_574 x,y+2,z-1 1.0000000000 0.0000000000 0.0000000000 -7.2633148375 0.0000000000 1.0000000000 0.0000000000 10.0120876470 0.0000000000 0.0000000000 1.0000000000 -11.8156980436 
9  'crystal symmetry operation' 1_544 x,y-1,z-1 1.0000000000 0.0000000000 0.0000000000 -1.2786174507 0.0000000000 1.0000000000 0.0000000000 -1.7230390366 0.0000000000 0.0000000000 1.0000000000 -17.0907619205 
10 'crystal symmetry operation' 1_534 x,y-2,z-1 1.0000000000 0.0000000000 0.0000000000 0.7162816783  0.0000000000 1.0000000000 0.0000000000 -5.6347479312 0.0000000000 0.0000000000 1.0000000000 -18.8491165461 
# 
_phasing.method   MR 
# 
_em_3d_fitting.id                1 
_em_3d_fitting.entry_id          5W52 
_em_3d_fitting.ref_space         ? 
_em_3d_fitting.ref_protocol      ? 
_em_3d_fitting.target_criteria   ? 
_em_3d_fitting.overall_b_value   ? 
_em_3d_fitting.method            ? 
_em_3d_fitting.details           ? 
# 
_em_3d_reconstruction.entry_id                    5W52 
_em_3d_reconstruction.id                          1 
_em_3d_reconstruction.algorithm                   ? 
_em_3d_reconstruction.details                     ? 
_em_3d_reconstruction.refinement_type             ? 
_em_3d_reconstruction.image_processing_id         1 
_em_3d_reconstruction.num_class_averages          ? 
_em_3d_reconstruction.num_particles               ? 
_em_3d_reconstruction.resolution                  ? 
_em_3d_reconstruction.resolution_method           'DIFFRACTION PATTERN/LAYERLINES' 
_em_3d_reconstruction.symmetry_type               '3D CRYSTAL' 
_em_3d_reconstruction.method                      ? 
_em_3d_reconstruction.nominal_pixel_size          ? 
_em_3d_reconstruction.actual_pixel_size           ? 
_em_3d_reconstruction.magnification_calibration   ? 
_em_3d_reconstruction.citation_id                 ? 
_em_3d_reconstruction.euler_angles_details        ? 
# 
_em_buffer.id            1 
_em_buffer.details       ? 
_em_buffer.pH            8.5 
_em_buffer.specimen_id   1 
_em_buffer.name          ? 
# 
_em_entity_assembly.id                   1 
_em_entity_assembly.parent_id            0 
_em_entity_assembly.details              'This peptide was synthesized and crystallized.' 
_em_entity_assembly.name                 'DLIIKGISVHI fibril' 
_em_entity_assembly.source               NATURAL 
_em_entity_assembly.type                 COMPLEX 
_em_entity_assembly.entity_id_list       1 
_em_entity_assembly.synonym              ? 
_em_entity_assembly.oligomeric_details   ? 
# 
_em_imaging.id                              1 
_em_imaging.entry_id                        5W52 
_em_imaging.accelerating_voltage            200 
_em_imaging.alignment_procedure             ? 
_em_imaging.c2_aperture_diameter            ? 
_em_imaging.calibrated_defocus_max          ? 
_em_imaging.calibrated_defocus_min          ? 
_em_imaging.calibrated_magnification        ? 
_em_imaging.cryogen                         ? 
_em_imaging.details                         ? 
_em_imaging.electron_source                 'FIELD EMISSION GUN' 
_em_imaging.illumination_mode               'FLOOD BEAM' 
_em_imaging.microscope_model                'FEI TECNAI 20' 
_em_imaging.mode                            DIFFRACTION 
_em_imaging.nominal_cs                      ? 
_em_imaging.nominal_defocus_max             ? 
_em_imaging.nominal_defocus_min             ? 
_em_imaging.nominal_magnification           ? 
_em_imaging.recording_temperature_maximum   ? 
_em_imaging.recording_temperature_minimum   ? 
_em_imaging.residual_tilt                   ? 
_em_imaging.specimen_holder_model           ? 
_em_imaging.specimen_id                     1 
_em_imaging.citation_id                     ? 
_em_imaging.date                            ? 
_em_imaging.temperature                     ? 
_em_imaging.tilt_angle_min                  ? 
_em_imaging.tilt_angle_max                  ? 
_em_imaging.astigmatism                     ? 
_em_imaging.detector_distance               ? 
_em_imaging.electron_beam_tilt_params       ? 
_em_imaging.specimen_holder_type            ? 
# 
_em_vitrification.id                    1 
_em_vitrification.specimen_id           1 
_em_vitrification.chamber_temperature   ? 
_em_vitrification.cryogen_name          ETHANE 
_em_vitrification.details               ? 
_em_vitrification.humidity              ? 
_em_vitrification.instrument            ? 
_em_vitrification.entry_id              5W52 
_em_vitrification.citation_id           ? 
_em_vitrification.method                ? 
_em_vitrification.temp                  ? 
_em_vitrification.time_resolved_state   ? 
# 
_em_experiment.entry_id                5W52 
_em_experiment.id                      1 
_em_experiment.aggregation_state       '3D ARRAY' 
_em_experiment.reconstruction_method   CRYSTALLOGRAPHY 
_em_experiment.entity_assembly_id      1 
# 
loop_
_chem_comp_atom.comp_id 
_chem_comp_atom.atom_id 
_chem_comp_atom.type_symbol 
_chem_comp_atom.pdbx_aromatic_flag 
_chem_comp_atom.pdbx_stereo_config 
_chem_comp_atom.pdbx_ordinal 
ASP N    N N N 1   
ASP CA   C N S 2   
ASP C    C N N 3   
ASP O    O N N 4   
ASP CB   C N N 5   
ASP CG   C N N 6   
ASP OD1  O N N 7   
ASP OD2  O N N 8   
ASP OXT  O N N 9   
ASP H    H N N 10  
ASP H2   H N N 11  
ASP HA   H N N 12  
ASP HB2  H N N 13  
ASP HB3  H N N 14  
ASP HD2  H N N 15  
ASP HXT  H N N 16  
GLY N    N N N 17  
GLY CA   C N N 18  
GLY C    C N N 19  
GLY O    O N N 20  
GLY OXT  O N N 21  
GLY H    H N N 22  
GLY H2   H N N 23  
GLY HA2  H N N 24  
GLY HA3  H N N 25  
GLY HXT  H N N 26  
HIS N    N N N 27  
HIS CA   C N S 28  
HIS C    C N N 29  
HIS O    O N N 30  
HIS CB   C N N 31  
HIS CG   C Y N 32  
HIS ND1  N Y N 33  
HIS CD2  C Y N 34  
HIS CE1  C Y N 35  
HIS NE2  N Y N 36  
HIS OXT  O N N 37  
HIS H    H N N 38  
HIS H2   H N N 39  
HIS HA   H N N 40  
HIS HB2  H N N 41  
HIS HB3  H N N 42  
HIS HD1  H N N 43  
HIS HD2  H N N 44  
HIS HE1  H N N 45  
HIS HE2  H N N 46  
HIS HXT  H N N 47  
ILE N    N N N 48  
ILE CA   C N S 49  
ILE C    C N N 50  
ILE O    O N N 51  
ILE CB   C N S 52  
ILE CG1  C N N 53  
ILE CG2  C N N 54  
ILE CD1  C N N 55  
ILE OXT  O N N 56  
ILE H    H N N 57  
ILE H2   H N N 58  
ILE HA   H N N 59  
ILE HB   H N N 60  
ILE HG12 H N N 61  
ILE HG13 H N N 62  
ILE HG21 H N N 63  
ILE HG22 H N N 64  
ILE HG23 H N N 65  
ILE HD11 H N N 66  
ILE HD12 H N N 67  
ILE HD13 H N N 68  
ILE HXT  H N N 69  
LEU N    N N N 70  
LEU CA   C N S 71  
LEU C    C N N 72  
LEU O    O N N 73  
LEU CB   C N N 74  
LEU CG   C N N 75  
LEU CD1  C N N 76  
LEU CD2  C N N 77  
LEU OXT  O N N 78  
LEU H    H N N 79  
LEU H2   H N N 80  
LEU HA   H N N 81  
LEU HB2  H N N 82  
LEU HB3  H N N 83  
LEU HG   H N N 84  
LEU HD11 H N N 85  
LEU HD12 H N N 86  
LEU HD13 H N N 87  
LEU HD21 H N N 88  
LEU HD22 H N N 89  
LEU HD23 H N N 90  
LEU HXT  H N N 91  
LYS N    N N N 92  
LYS CA   C N S 93  
LYS C    C N N 94  
LYS O    O N N 95  
LYS CB   C N N 96  
LYS CG   C N N 97  
LYS CD   C N N 98  
LYS CE   C N N 99  
LYS NZ   N N N 100 
LYS OXT  O N N 101 
LYS H    H N N 102 
LYS H2   H N N 103 
LYS HA   H N N 104 
LYS HB2  H N N 105 
LYS HB3  H N N 106 
LYS HG2  H N N 107 
LYS HG3  H N N 108 
LYS HD2  H N N 109 
LYS HD3  H N N 110 
LYS HE2  H N N 111 
LYS HE3  H N N 112 
LYS HZ1  H N N 113 
LYS HZ2  H N N 114 
LYS HZ3  H N N 115 
LYS HXT  H N N 116 
SER N    N N N 117 
SER CA   C N S 118 
SER C    C N N 119 
SER O    O N N 120 
SER CB   C N N 121 
SER OG   O N N 122 
SER OXT  O N N 123 
SER H    H N N 124 
SER H2   H N N 125 
SER HA   H N N 126 
SER HB2  H N N 127 
SER HB3  H N N 128 
SER HG   H N N 129 
SER HXT  H N N 130 
VAL N    N N N 131 
VAL CA   C N S 132 
VAL C    C N N 133 
VAL O    O N N 134 
VAL CB   C N N 135 
VAL CG1  C N N 136 
VAL CG2  C N N 137 
VAL OXT  O N N 138 
VAL H    H N N 139 
VAL H2   H N N 140 
VAL HA   H N N 141 
VAL HB   H N N 142 
VAL HG11 H N N 143 
VAL HG12 H N N 144 
VAL HG13 H N N 145 
VAL HG21 H N N 146 
VAL HG22 H N N 147 
VAL HG23 H N N 148 
VAL HXT  H N N 149 
# 
loop_
_chem_comp_bond.comp_id 
_chem_comp_bond.atom_id_1 
_chem_comp_bond.atom_id_2 
_chem_comp_bond.value_order 
_chem_comp_bond.pdbx_aromatic_flag 
_chem_comp_bond.pdbx_stereo_config 
_chem_comp_bond.pdbx_ordinal 
ASP N   CA   sing N N 1   
ASP N   H    sing N N 2   
ASP N   H2   sing N N 3   
ASP CA  C    sing N N 4   
ASP CA  CB   sing N N 5   
ASP CA  HA   sing N N 6   
ASP C   O    doub N N 7   
ASP C   OXT  sing N N 8   
ASP CB  CG   sing N N 9   
ASP CB  HB2  sing N N 10  
ASP CB  HB3  sing N N 11  
ASP CG  OD1  doub N N 12  
ASP CG  OD2  sing N N 13  
ASP OD2 HD2  sing N N 14  
ASP OXT HXT  sing N N 15  
GLY N   CA   sing N N 16  
GLY N   H    sing N N 17  
GLY N   H2   sing N N 18  
GLY CA  C    sing N N 19  
GLY CA  HA2  sing N N 20  
GLY CA  HA3  sing N N 21  
GLY C   O    doub N N 22  
GLY C   OXT  sing N N 23  
GLY OXT HXT  sing N N 24  
HIS N   CA   sing N N 25  
HIS N   H    sing N N 26  
HIS N   H2   sing N N 27  
HIS CA  C    sing N N 28  
HIS CA  CB   sing N N 29  
HIS CA  HA   sing N N 30  
HIS C   O    doub N N 31  
HIS C   OXT  sing N N 32  
HIS CB  CG   sing N N 33  
HIS CB  HB2  sing N N 34  
HIS CB  HB3  sing N N 35  
HIS CG  ND1  sing Y N 36  
HIS CG  CD2  doub Y N 37  
HIS ND1 CE1  doub Y N 38  
HIS ND1 HD1  sing N N 39  
HIS CD2 NE2  sing Y N 40  
HIS CD2 HD2  sing N N 41  
HIS CE1 NE2  sing Y N 42  
HIS CE1 HE1  sing N N 43  
HIS NE2 HE2  sing N N 44  
HIS OXT HXT  sing N N 45  
ILE N   CA   sing N N 46  
ILE N   H    sing N N 47  
ILE N   H2   sing N N 48  
ILE CA  C    sing N N 49  
ILE CA  CB   sing N N 50  
ILE CA  HA   sing N N 51  
ILE C   O    doub N N 52  
ILE C   OXT  sing N N 53  
ILE CB  CG1  sing N N 54  
ILE CB  CG2  sing N N 55  
ILE CB  HB   sing N N 56  
ILE CG1 CD1  sing N N 57  
ILE CG1 HG12 sing N N 58  
ILE CG1 HG13 sing N N 59  
ILE CG2 HG21 sing N N 60  
ILE CG2 HG22 sing N N 61  
ILE CG2 HG23 sing N N 62  
ILE CD1 HD11 sing N N 63  
ILE CD1 HD12 sing N N 64  
ILE CD1 HD13 sing N N 65  
ILE OXT HXT  sing N N 66  
LEU N   CA   sing N N 67  
LEU N   H    sing N N 68  
LEU N   H2   sing N N 69  
LEU CA  C    sing N N 70  
LEU CA  CB   sing N N 71  
LEU CA  HA   sing N N 72  
LEU C   O    doub N N 73  
LEU C   OXT  sing N N 74  
LEU CB  CG   sing N N 75  
LEU CB  HB2  sing N N 76  
LEU CB  HB3  sing N N 77  
LEU CG  CD1  sing N N 78  
LEU CG  CD2  sing N N 79  
LEU CG  HG   sing N N 80  
LEU CD1 HD11 sing N N 81  
LEU CD1 HD12 sing N N 82  
LEU CD1 HD13 sing N N 83  
LEU CD2 HD21 sing N N 84  
LEU CD2 HD22 sing N N 85  
LEU CD2 HD23 sing N N 86  
LEU OXT HXT  sing N N 87  
LYS N   CA   sing N N 88  
LYS N   H    sing N N 89  
LYS N   H2   sing N N 90  
LYS CA  C    sing N N 91  
LYS CA  CB   sing N N 92  
LYS CA  HA   sing N N 93  
LYS C   O    doub N N 94  
LYS C   OXT  sing N N 95  
LYS CB  CG   sing N N 96  
LYS CB  HB2  sing N N 97  
LYS CB  HB3  sing N N 98  
LYS CG  CD   sing N N 99  
LYS CG  HG2  sing N N 100 
LYS CG  HG3  sing N N 101 
LYS CD  CE   sing N N 102 
LYS CD  HD2  sing N N 103 
LYS CD  HD3  sing N N 104 
LYS CE  NZ   sing N N 105 
LYS CE  HE2  sing N N 106 
LYS CE  HE3  sing N N 107 
LYS NZ  HZ1  sing N N 108 
LYS NZ  HZ2  sing N N 109 
LYS NZ  HZ3  sing N N 110 
LYS OXT HXT  sing N N 111 
SER N   CA   sing N N 112 
SER N   H    sing N N 113 
SER N   H2   sing N N 114 
SER CA  C    sing N N 115 
SER CA  CB   sing N N 116 
SER CA  HA   sing N N 117 
SER C   O    doub N N 118 
SER C   OXT  sing N N 119 
SER CB  OG   sing N N 120 
SER CB  HB2  sing N N 121 
SER CB  HB3  sing N N 122 
SER OG  HG   sing N N 123 
SER OXT HXT  sing N N 124 
VAL N   CA   sing N N 125 
VAL N   H    sing N N 126 
VAL N   H2   sing N N 127 
VAL CA  C    sing N N 128 
VAL CA  CB   sing N N 129 
VAL CA  HA   sing N N 130 
VAL C   O    doub N N 131 
VAL C   OXT  sing N N 132 
VAL CB  CG1  sing N N 133 
VAL CB  CG2  sing N N 134 
VAL CB  HB   sing N N 135 
VAL CG1 HG11 sing N N 136 
VAL CG1 HG12 sing N N 137 
VAL CG1 HG13 sing N N 138 
VAL CG2 HG21 sing N N 139 
VAL CG2 HG22 sing N N 140 
VAL CG2 HG23 sing N N 141 
VAL OXT HXT  sing N N 142 
# 
_em_3d_crystal_entity.id                    1 
_em_3d_crystal_entity.image_processing_id   1 
_em_3d_crystal_entity.angle_alpha           80.88 
_em_3d_crystal_entity.angle_beta            86.37 
_em_3d_crystal_entity.angle_gamma           89.78 
_em_3d_crystal_entity.length_a              24.81 
_em_3d_crystal_entity.length_b              4.73 
_em_3d_crystal_entity.length_c              15.83 
_em_3d_crystal_entity.space_group_name      P1 
_em_3d_crystal_entity.space_group_num       1 
# 
_em_ctf_correction.id                       1 
_em_ctf_correction.em_image_processing_id   1 
_em_ctf_correction.type                     NONE 
_em_ctf_correction.details                  ? 
# 
_em_diffraction.id                1 
_em_diffraction.camera_length     1840 
_em_diffraction.imaging_id        1 
_em_diffraction.tilt_angle_list   ? 
# 
_em_diffraction_shell.id                        1 
_em_diffraction_shell.em_diffraction_stats_id   1 
_em_diffraction_shell.fourier_space_coverage    62.1 
_em_diffraction_shell.high_resolution           1.40 
_em_diffraction_shell.low_resolution            1.48 
_em_diffraction_shell.multiplicity              6.71 
_em_diffraction_shell.num_structure_factors     139 
_em_diffraction_shell.phase_residual            0.001 
# 
_em_diffraction_stats.id                               1 
_em_diffraction_stats.details                          ? 
_em_diffraction_stats.image_processing_id              1 
_em_diffraction_stats.fourier_space_coverage           73.4 
_em_diffraction_stats.high_resolution                  1.40 
_em_diffraction_stats.num_intensities_measured         9353 
_em_diffraction_stats.num_structure_factors            1037 
_em_diffraction_stats.overall_phase_error              0.001 
_em_diffraction_stats.overall_phase_residual           0.001 
_em_diffraction_stats.phase_error_rejection_criteria   1 
_em_diffraction_stats.r_merge                          20.3 
_em_diffraction_stats.r_sym                            20.3 
# 
_em_entity_assembly_molwt.entity_assembly_id   1 
_em_entity_assembly_molwt.id                   1 
_em_entity_assembly_molwt.experimental_flag    NO 
_em_entity_assembly_molwt.units                KILODALTONS/NANOMETER 
_em_entity_assembly_molwt.value                5.03 
# 
_em_entity_assembly_naturalsource.id                   2 
_em_entity_assembly_naturalsource.entity_assembly_id   1 
_em_entity_assembly_naturalsource.cell                 ? 
_em_entity_assembly_naturalsource.cellular_location    ? 
_em_entity_assembly_naturalsource.ncbi_tax_id          9606 
_em_entity_assembly_naturalsource.organ                ? 
_em_entity_assembly_naturalsource.organelle            ? 
_em_entity_assembly_naturalsource.organism             'Homo sapiens' 
_em_entity_assembly_naturalsource.strain               ? 
_em_entity_assembly_naturalsource.tissue               ? 
# 
_em_image_processing.id                   1 
_em_image_processing.image_recording_id   1 
_em_image_processing.details              ? 
# 
_em_image_recording.id                            1 
_em_image_recording.imaging_id                    1 
_em_image_recording.avg_electron_dose_per_image   3.4 
_em_image_recording.average_exposure_time         ? 
_em_image_recording.details                       ? 
_em_image_recording.detector_mode                 ? 
_em_image_recording.film_or_detector_model        'TVIPS TEMCAM-F416 (4k x 4k)' 
_em_image_recording.num_diffraction_images        ? 
_em_image_recording.num_grids_imaged              ? 
_em_image_recording.num_real_images               ? 
# 
loop_
_em_software.id 
_em_software.category 
_em_software.details 
_em_software.name 
_em_software.version 
_em_software.image_processing_id 
_em_software.fitting_id 
_em_software.imaging_id 
1  'IMAGE ACQUISITION'             ? TVIPS  F416 ? ? 1 
2  MASKING                         ? ?      ?    ? ? ? 
3  'CTF CORRECTION'                ? ?      ?    1 ? ? 
4  'LAYERLINE INDEXING'            ? ?      ?    ? ? ? 
5  'DIFFRACTION INDEXING'          ? ?      ?    ? ? ? 
6  'MODEL FITTING'                 ? Coot   ?    ? 1 ? 
7  OTHER                           ? ?      ?    ? ? ? 
8  'MOLECULAR REPLACEMENT'         ? Phaser ?    1 ? ? 
9  'LATTICE DISTORTION CORRECTION' ? ?      ?    1 ? ? 
10 'SYMMETRY DETERMINATION'        ? ?      ?    1 ? ? 
11 'CRYSTALLOGRAPHY MERGING'       ? XSCALE ?    1 ? ? 
12 RECONSTRUCTION                  ? ?      ?    1 ? ? 
13 'MODEL REFINEMENT'              ? REFMAC ?    ? 1 ? 
# 
_em_specimen.id                      1 
_em_specimen.experiment_id           1 
_em_specimen.concentration           ? 
_em_specimen.details                 ? 
_em_specimen.embedding_applied       NO 
_em_specimen.shadowing_applied       NO 
_em_specimen.staining_applied        NO 
_em_specimen.vitrification_applied   YES 
# 
_pdbx_audit_support.funding_organization   'National Science Foundation (NSF, United States)' 
_pdbx_audit_support.country                'United States' 
_pdbx_audit_support.grant_number           'MCB 1616265' 
_pdbx_audit_support.ordinal                1 
# 
_pdbx_initial_refinement_model.accession_code   ? 
_pdbx_initial_refinement_model.id               1 
_pdbx_initial_refinement_model.entity_id_list   ? 
_pdbx_initial_refinement_model.type             'in silico model' 
_pdbx_initial_refinement_model.source_name      Other 
_pdbx_initial_refinement_model.details          'idealized 11-residue beta strand' 
# 
loop_
_pdbx_reflns_twin.domain_id 
_pdbx_reflns_twin.crystal_id 
_pdbx_reflns_twin.diffrn_id 
_pdbx_reflns_twin.fraction 
_pdbx_reflns_twin.operator 
_pdbx_reflns_twin.type 
_pdbx_reflns_twin.mean_F_square_over_mean_F2 
_pdbx_reflns_twin.mean_I2_over_mean_I_square 
1 1 1 0.499 'H,  K,  L'    ? ? ? 
2 1 1 0.501 '-H,  K,  K-L' ? ? ? 
# 
_atom_sites.entry_id                    5W52 
_atom_sites.fract_transf_matrix[1][1]   0.03486947 
_atom_sites.fract_transf_matrix[1][2]   0.01985051 
_atom_sites.fract_transf_matrix[1][3]   -0.00460866 
_atom_sites.fract_transf_matrix[2][1]   -0.09741356 
_atom_sites.fract_transf_matrix[2][2]   0.18476690 
_atom_sites.fract_transf_matrix[2][3]   0.04715500 
_atom_sites.fract_transf_matrix[3][1]   0.01421691 
_atom_sites.fract_transf_matrix[3][2]   -0.01945482 
_atom_sites.fract_transf_matrix[3][3]   0.05940944 
_atom_sites.fract_transf_vector[1]      -0.386864 
_atom_sites.fract_transf_vector[2]      0.505944 
_atom_sites.fract_transf_vector[3]      -0.819052 
# 
loop_
_atom_type.symbol 
C 
H 
N 
O 
# 
loop_
_atom_site.group_PDB 
_atom_site.id 
_atom_site.type_symbol 
_atom_site.label_atom_id 
_atom_site.label_alt_id 
_atom_site.label_comp_id 
_atom_site.label_asym_id 
_atom_site.label_entity_id 
_atom_site.label_seq_id 
_atom_site.pdbx_PDB_ins_code 
_atom_site.Cartn_x 
_atom_site.Cartn_y 
_atom_site.Cartn_z 
_atom_site.occupancy 
_atom_site.B_iso_or_equiv 
_atom_site.pdbx_formal_charge 
_atom_site.auth_seq_id 
_atom_site.auth_comp_id 
_atom_site.auth_asym_id 
_atom_site.auth_atom_id 
_atom_site.pdbx_PDB_model_num 
ATOM 1   N N    . ASP A 1 1  ? 13.137  0.338  12.077  1.00 88.12 ? 1  ASP A N    1 
ATOM 2   C CA   . ASP A 1 1  ? 12.226  1.248  11.316  1.00 77.42 ? 1  ASP A CA   1 
ATOM 3   C C    . ASP A 1 1  ? 11.165  0.437  10.557  1.00 62.98 ? 1  ASP A C    1 
ATOM 4   O O    . ASP A 1 1  ? 11.514  -0.371 9.684   1.00 51.95 ? 1  ASP A O    1 
ATOM 5   C CB   . ASP A 1 1  ? 13.032  2.121  10.333  1.00 84.27 ? 1  ASP A CB   1 
ATOM 6   C CG   . ASP A 1 1  ? 13.974  3.114  11.034  1.00 91.54 ? 1  ASP A CG   1 
ATOM 7   O OD1  . ASP A 1 1  ? 13.701  3.516  12.190  1.00 85.08 ? 1  ASP A OD1  1 
ATOM 8   O OD2  . ASP A 1 1  ? 14.992  3.500  10.413  1.00 83.59 ? 1  ASP A OD2  1 
ATOM 9   H H1   . ASP A 1 1  ? 13.802  -0.093 11.438  1.00 84.67 ? 1  ASP A H1   1 
ATOM 10  H H2   . ASP A 1 1  ? 13.617  0.840  12.751  1.00 84.70 ? 1  ASP A H2   1 
ATOM 11  H H3   . ASP A 1 1  ? 12.615  -0.346 12.508  1.00 84.58 ? 1  ASP A H3   1 
ATOM 12  H HA   . ASP A 1 1  ? 11.766  1.840  11.948  1.00 77.24 ? 1  ASP A HA   1 
ATOM 13  H HB2  . ASP A 1 1  ? 13.570  1.548  9.764   1.00 84.24 ? 1  ASP A HB2  1 
ATOM 14  H HB3  . ASP A 1 1  ? 12.412  2.633  9.790   1.00 84.24 ? 1  ASP A HB3  1 
ATOM 15  N N    . LEU A 1 2  ? 9.887   0.638  10.914  1.00 46.21 ? 2  LEU A N    1 
ATOM 16  C CA   . LEU A 1 2  ? 8.772   0.080  10.151  1.00 38.95 ? 2  LEU A CA   1 
ATOM 17  C C    . LEU A 1 2  ? 8.415   1.048  9.067   1.00 31.84 ? 2  LEU A C    1 
ATOM 18  O O    . LEU A 1 2  ? 8.164   2.218  9.355   1.00 31.52 ? 2  LEU A O    1 
ATOM 19  C CB   . LEU A 1 2  ? 7.529   -0.137 11.006  1.00 39.18 ? 2  LEU A CB   1 
ATOM 20  C CG   . LEU A 1 2  ? 7.695   -0.965 12.265  1.00 42.94 ? 2  LEU A CG   1 
ATOM 21  C CD1  . LEU A 1 2  ? 6.355   -1.426 12.835  1.00 47.29 ? 2  LEU A CD1  1 
ATOM 22  C CD2  . LEU A 1 2  ? 8.529   -2.176 11.941  1.00 53.97 ? 2  LEU A CD2  1 
ATOM 23  H H    . LEU A 1 2  ? 9.595   1.173  11.719  1.00 47.84 ? 2  LEU A H    1 
ATOM 24  H HA   . LEU A 1 2  ? 9.022   -0.776 9.750   1.00 38.86 ? 2  LEU A HA   1 
ATOM 25  H HB2  . LEU A 1 2  ? 7.185   0.728  11.270  1.00 39.91 ? 2  LEU A HB2  1 
ATOM 26  H HB3  . LEU A 1 2  ? 6.866   -0.585 10.456  1.00 40.00 ? 2  LEU A HB3  1 
ATOM 27  H HG   . LEU A 1 2  ? 8.159   -0.446 12.940  1.00 43.00 ? 2  LEU A HG   1 
ATOM 28  H HD11 . LEU A 1 2  ? 5.774   -0.676 12.957  1.00 45.92 ? 2  LEU A HD11 1 
ATOM 29  H HD12 . LEU A 1 2  ? 6.508   -1.861 13.677  1.00 45.93 ? 2  LEU A HD12 1 
ATOM 30  H HD13 . LEU A 1 2  ? 5.957   -2.045 12.219  1.00 45.92 ? 2  LEU A HD13 1 
ATOM 31  H HD21 . LEU A 1 2  ? 8.217   -2.534 11.111  1.00 52.33 ? 2  LEU A HD21 1 
ATOM 32  H HD22 . LEU A 1 2  ? 8.413   -2.823 12.638  1.00 50.72 ? 2  LEU A HD22 1 
ATOM 33  H HD23 . LEU A 1 2  ? 9.456   -1.927 11.880  1.00 50.69 ? 2  LEU A HD23 1 
ATOM 34  N N    . ILE A 1 3  ? 8.415   0.553  7.826   1.00 28.76 ? 3  ILE A N    1 
ATOM 35  C CA   . ILE A 1 3  ? 7.917   1.280  6.662   1.00 23.47 ? 3  ILE A CA   1 
ATOM 36  C C    . ILE A 1 3  ? 6.948   0.353  5.940   1.00 20.72 ? 3  ILE A C    1 
ATOM 37  O O    . ILE A 1 3  ? 7.355   -0.698 5.480   1.00 23.81 ? 3  ILE A O    1 
ATOM 38  C CB   . ILE A 1 3  ? 9.061   1.685  5.717   1.00 25.45 ? 3  ILE A CB   1 
ATOM 39  C CG1  . ILE A 1 3  ? 10.102  2.518  6.473   1.00 29.49 ? 3  ILE A CG1  1 
ATOM 40  C CG2  . ILE A 1 3  ? 8.513   2.446  4.515   1.00 30.26 ? 3  ILE A CG2  1 
ATOM 41  C CD1  . ILE A 1 3  ? 11.271  2.997  5.632   1.00 31.76 ? 3  ILE A CD1  1 
ATOM 42  H H    . ILE A 1 3  ? 8.771   -0.362 7.588   1.00 28.09 ? 3  ILE A H    1 
ATOM 43  H HA   . ILE A 1 3  ? 7.446   2.092  6.934   1.00 24.25 ? 3  ILE A HA   1 
ATOM 44  H HB   . ILE A 1 3  ? 9.496   0.880  5.396   1.00 26.63 ? 3  ILE A HB   1 
ATOM 45  H HG12 . ILE A 1 3  ? 9.662   3.301  6.840   1.00 28.99 ? 3  ILE A HG12 1 
ATOM 46  H HG13 . ILE A 1 3  ? 10.474  1.985  7.194   1.00 29.00 ? 3  ILE A HG13 1 
ATOM 47  H HG21 . ILE A 1 3  ? 8.143   1.820  3.889   1.00 28.64 ? 3  ILE A HG21 1 
ATOM 48  H HG22 . ILE A 1 3  ? 9.212   2.939  4.083   1.00 28.69 ? 3  ILE A HG22 1 
ATOM 49  H HG23 . ILE A 1 3  ? 7.829   3.052  4.812   1.00 28.64 ? 3  ILE A HG23 1 
ATOM 50  H HD11 . ILE A 1 3  ? 11.353  2.433  4.852   1.00 31.02 ? 3  ILE A HD11 1 
ATOM 51  H HD12 . ILE A 1 3  ? 12.074  2.945  6.164   1.00 31.04 ? 3  ILE A HD12 1 
ATOM 52  H HD13 . ILE A 1 3  ? 11.109  3.913  5.366   1.00 31.04 ? 3  ILE A HD13 1 
ATOM 53  N N    . ILE A 1 4  ? 5.675   0.730  5.859   1.00 21.17 ? 4  ILE A N    1 
ATOM 54  C CA   . ILE A 1 4  ? 4.661   -0.045 5.133   1.00 23.86 ? 4  ILE A CA   1 
ATOM 55  C C    . ILE A 1 4  ? 4.124   0.804  4.007   1.00 21.42 ? 4  ILE A C    1 
ATOM 56  O O    . ILE A 1 4  ? 3.910   2.003  4.180   1.00 23.65 ? 4  ILE A O    1 
ATOM 57  C CB   . ILE A 1 4  ? 3.465   -0.423 6.036   1.00 30.24 ? 4  ILE A CB   1 
ATOM 58  C CG1  . ILE A 1 4  ? 3.919   -1.278 7.214   1.00 37.25 ? 4  ILE A CG1  1 
ATOM 59  C CG2  . ILE A 1 4  ? 2.386   -1.164 5.242   1.00 33.69 ? 4  ILE A CG2  1 
ATOM 60  C CD1  . ILE A 1 4  ? 2.879   -1.360 8.309   1.00 39.34 ? 4  ILE A CD1  1 
ATOM 61  H H    . ILE A 1 4  ? 5.304   1.567  6.285   1.00 21.68 ? 4  ILE A H    1 
ATOM 62  H HA   . ILE A 1 4  ? 5.036   -0.870 4.761   1.00 23.93 ? 4  ILE A HA   1 
ATOM 63  H HB   . ILE A 1 4  ? 3.077   0.396  6.384   1.00 30.70 ? 4  ILE A HB   1 
ATOM 64  H HG12 . ILE A 1 4  ? 4.094   -2.177 6.899   1.00 35.90 ? 4  ILE A HG12 1 
ATOM 65  H HG13 . ILE A 1 4  ? 4.723   -0.903 7.604   1.00 35.84 ? 4  ILE A HG13 1 
ATOM 66  H HG21 . ILE A 1 4  ? 1.793   -0.522 4.844   1.00 32.50 ? 4  ILE A HG21 1 
ATOM 67  H HG22 . ILE A 1 4  ? 1.879   -1.744 5.810   1.00 32.61 ? 4  ILE A HG22 1 
ATOM 68  H HG23 . ILE A 1 4  ? 2.803   -1.688 4.554   1.00 32.39 ? 4  ILE A HG23 1 
ATOM 69  H HD11 . ILE A 1 4  ? 2.594   -0.471 8.526   1.00 38.63 ? 4  ILE A HD11 1 
ATOM 70  H HD12 . ILE A 1 4  ? 3.279   -1.776 9.078   1.00 38.67 ? 4  ILE A HD12 1 
ATOM 71  H HD13 . ILE A 1 4  ? 2.131   -1.885 8.013   1.00 38.62 ? 4  ILE A HD13 1 
ATOM 72  N N    . LYS A 1 5  ? 3.866   0.191  2.866   1.00 23.44 ? 5  LYS A N    1 
ATOM 73  C CA   . LYS A 1 5  ? 3.208   0.886  1.752   1.00 25.04 ? 5  LYS A CA   1 
ATOM 74  C C    . LYS A 1 5  ? 2.228   -0.062 1.041   1.00 23.72 ? 5  LYS A C    1 
ATOM 75  O O    . LYS A 1 5  ? 2.644   -1.110 0.546   1.00 25.37 ? 5  LYS A O    1 
ATOM 76  C CB   . LYS A 1 5  ? 4.254   1.413  0.762   1.00 25.87 ? 5  LYS A CB   1 
ATOM 77  C CG   . LYS A 1 5  ? 5.268   2.396  1.328   1.00 25.75 ? 5  LYS A CG   1 
ATOM 78  C CD   . LYS A 1 5  ? 6.368   2.665  0.328   1.00 29.59 ? 5  LYS A CD   1 
ATOM 79  C CE   . LYS A 1 5  ? 7.492   3.496  0.922   1.00 37.38 ? 5  LYS A CE   1 
ATOM 80  N NZ   . LYS A 1 5  ? 8.630   3.634  -0.040  1.00 39.27 ? 5  LYS A NZ   1 
ATOM 81  H H    . LYS A 1 5  ? 4.096   -0.774 2.669   1.00 23.31 ? 5  LYS A H    1 
ATOM 82  H HA   . LYS A 1 5  ? 2.702   1.654  2.080   1.00 24.59 ? 5  LYS A HA   1 
ATOM 83  H HB2  . LYS A 1 5  ? 4.748   0.653  0.419   1.00 25.68 ? 5  LYS A HB2  1 
ATOM 84  H HB3  . LYS A 1 5  ? 3.790   1.844  0.036   1.00 25.65 ? 5  LYS A HB3  1 
ATOM 85  H HG2  . LYS A 1 5  ? 4.826   3.236  1.533   1.00 26.63 ? 5  LYS A HG2  1 
ATOM 86  H HG3  . LYS A 1 5  ? 5.684   2.030  2.121   1.00 26.60 ? 5  LYS A HG3  1 
ATOM 87  H HD2  . LYS A 1 5  ? 6.745   1.820  0.031   1.00 30.26 ? 5  LYS A HD2  1 
ATOM 88  H HD3  . LYS A 1 5  ? 5.999   3.151  -0.428  1.00 30.28 ? 5  LYS A HD3  1 
ATOM 89  H HE2  . LYS A 1 5  ? 7.160   4.387  1.132   1.00 35.80 ? 5  LYS A HE2  1 
ATOM 90  H HE3  . LYS A 1 5  ? 7.824   3.062  1.727   1.00 35.80 ? 5  LYS A HE3  1 
ATOM 91  H HZ1  . LYS A 1 5  ? 9.096   2.728  -0.134  1.00 38.67 ? 5  LYS A HZ1  1 
ATOM 92  H HZ2  . LYS A 1 5  ? 9.275   4.329  0.330   1.00 38.67 ? 5  LYS A HZ2  1 
ATOM 93  H HZ3  . LYS A 1 5  ? 8.269   3.936  -0.952  1.00 38.63 ? 5  LYS A HZ3  1 
ATOM 94  N N    . GLY A 1 6  ? 0.946   0.306  0.986   1.00 22.44 ? 6  GLY A N    1 
ATOM 95  C CA   . GLY A 1 6  ? -0.088  -0.560 0.419   1.00 25.12 ? 6  GLY A CA   1 
ATOM 96  C C    . GLY A 1 6  ? -1.088  0.175  -0.460  1.00 22.92 ? 6  GLY A C    1 
ATOM 97  O O    . GLY A 1 6  ? -1.473  1.307  -0.167  1.00 23.47 ? 6  GLY A O    1 
ATOM 98  H H    . GLY A 1 6  ? 0.589   1.189  1.322   1.00 23.36 ? 6  GLY A H    1 
ATOM 99  H HA2  . GLY A 1 6  ? 0.311   -1.269 -0.101  1.00 23.95 ? 6  GLY A HA2  1 
ATOM 100 H HA3  . GLY A 1 6  ? -0.581  -0.970 1.146   1.00 23.95 ? 6  GLY A HA3  1 
ATOM 101 N N    . ILE A 1 7  ? -1.512  -0.475 -1.539  1.00 23.59 ? 7  ILE A N    1 
ATOM 102 C CA   . ILE A 1 7  ? -2.410  0.156  -2.527  1.00 24.15 ? 7  ILE A CA   1 
ATOM 103 C C    . ILE A 1 7  ? -3.371  -0.871 -3.123  1.00 18.66 ? 7  ILE A C    1 
ATOM 104 O O    . ILE A 1 7  ? -2.961  -1.983 -3.430  1.00 22.85 ? 7  ILE A O    1 
ATOM 105 C CB   . ILE A 1 7  ? -1.601  0.796  -3.699  1.00 30.37 ? 7  ILE A CB   1 
ATOM 106 C CG1  . ILE A 1 7  ? -0.593  1.849  -3.185  1.00 33.31 ? 7  ILE A CG1  1 
ATOM 107 C CG2  . ILE A 1 7  ? -2.553  1.402  -4.733  1.00 34.81 ? 7  ILE A CG2  1 
ATOM 108 C CD1  . ILE A 1 7  ? 0.460   2.275  -4.186  1.00 39.13 ? 7  ILE A CD1  1 
ATOM 109 H H    . ILE A 1 7  ? -1.262  -1.428 -1.765  1.00 23.54 ? 7  ILE A H    1 
ATOM 110 H HA   . ILE A 1 7  ? -2.936  0.860  -2.105  1.00 23.90 ? 7  ILE A HA   1 
ATOM 111 H HB   . ILE A 1 7  ? -1.098  0.090  -4.135  1.00 30.38 ? 7  ILE A HB   1 
ATOM 112 H HG12 . ILE A 1 7  ? -1.080  2.642  -2.913  1.00 33.83 ? 7  ILE A HG12 1 
ATOM 113 H HG13 . ILE A 1 7  ? -0.097  1.495  -2.438  1.00 33.70 ? 7  ILE A HG13 1 
ATOM 114 H HG21 . ILE A 1 7  ? -2.802  0.725  -5.367  1.00 33.23 ? 7  ILE A HG21 1 
ATOM 115 H HG22 . ILE A 1 7  ? -2.124  2.118  -5.196  1.00 33.34 ? 7  ILE A HG22 1 
ATOM 116 H HG23 . ILE A 1 7  ? -3.335  1.738  -4.290  1.00 33.10 ? 7  ILE A HG23 1 
ATOM 117 H HD11 . ILE A 1 7  ? 0.897   1.492  -4.533  1.00 37.24 ? 7  ILE A HD11 1 
ATOM 118 H HD12 . ILE A 1 7  ? 1.103   2.833  -3.736  1.00 37.24 ? 7  ILE A HD12 1 
ATOM 119 H HD13 . ILE A 1 7  ? 0.047   2.772  -4.897  1.00 37.23 ? 7  ILE A HD13 1 
ATOM 120 N N    . SER A 1 8  ? -4.619  -0.492 -3.322  1.00 18.23 ? 8  SER A N    1 
ATOM 121 C CA   . SER A 1 8  ? -5.617  -1.356 -3.962  1.00 20.07 ? 8  SER A CA   1 
ATOM 122 C C    . SER A 1 8  ? -6.378  -0.508 -4.981  1.00 17.46 ? 8  SER A C    1 
ATOM 123 O O    . SER A 1 8  ? -6.817  0.592  -4.663  1.00 17.50 ? 8  SER A O    1 
ATOM 124 C CB   . SER A 1 8  ? -6.537  -1.959 -2.883  1.00 23.51 ? 8  SER A CB   1 
ATOM 125 O OG   . SER A 1 8  ? -7.522  -2.824 -3.415  1.00 26.61 ? 8  SER A OG   1 
ATOM 126 H H    . SER A 1 8  ? -4.986  0.409  -3.047  1.00 18.77 ? 8  SER A H    1 
ATOM 127 H HA   . SER A 1 8  ? -5.186  -2.095 -4.433  1.00 19.80 ? 8  SER A HA   1 
ATOM 128 H HB2  . SER A 1 8  ? -5.990  -2.458 -2.256  1.00 23.33 ? 8  SER A HB2  1 
ATOM 129 H HB3  . SER A 1 8  ? -6.982  -1.234 -2.418  1.00 23.33 ? 8  SER A HB3  1 
ATOM 130 N N    . VAL A 1 9  ? -6.484  -0.989 -6.213  1.00 20.60 ? 9  VAL A N    1 
ATOM 131 C CA   . VAL A 1 9  ? -7.095  -0.225 -7.326  1.00 19.00 ? 9  VAL A CA   1 
ATOM 132 C C    . VAL A 1 9  ? -8.048  -1.115 -8.103  1.00 15.63 ? 9  VAL A C    1 
ATOM 133 O O    . VAL A 1 9  ? -7.640  -2.155 -8.595  1.00 16.27 ? 9  VAL A O    1 
ATOM 134 C CB   . VAL A 1 9  ? -6.040  0.298  -8.330  1.00 20.80 ? 9  VAL A CB   1 
ATOM 135 C CG1  . VAL A 1 9  ? -6.729  1.005  -9.478  1.00 22.62 ? 9  VAL A CG1  1 
ATOM 136 C CG2  . VAL A 1 9  ? -5.016  1.212  -7.667  1.00 21.00 ? 9  VAL A CG2  1 
ATOM 137 H H    . VAL A 1 9  ? -6.161  -1.904 -6.492  1.00 19.42 ? 9  VAL A H    1 
ATOM 138 H HA   . VAL A 1 9  ? -7.586  0.548  -6.987  1.00 18.91 ? 9  VAL A HA   1 
ATOM 139 H HB   . VAL A 1 9  ? -5.554  -0.467 -8.702  1.00 20.79 ? 9  VAL A HB   1 
ATOM 140 H HG11 . VAL A 1 9  ? -6.819  0.348  -10.260 1.00 22.01 ? 9  VAL A HG11 1 
ATOM 141 H HG12 . VAL A 1 9  ? -6.109  1.799  -9.773  1.00 22.03 ? 9  VAL A HG12 1 
ATOM 142 H HG13 . VAL A 1 9  ? -7.627  1.350  -9.147  1.00 22.02 ? 9  VAL A HG13 1 
ATOM 143 H HG21 . VAL A 1 9  ? -5.483  1.902  -7.178  1.00 20.94 ? 9  VAL A HG21 1 
ATOM 144 H HG22 . VAL A 1 9  ? -4.462  1.608  -8.352  1.00 20.94 ? 9  VAL A HG22 1 
ATOM 145 H HG23 . VAL A 1 9  ? -4.473  0.689  -7.063  1.00 20.94 ? 9  VAL A HG23 1 
ATOM 146 N N    . HIS A 1 10 ? -9.297  -0.680 -8.233  1.00 19.29 ? 10 HIS A N    1 
ATOM 147 C CA   . HIS A 1 10 ? -10.280 -1.351 -9.080  1.00 23.06 ? 10 HIS A CA   1 
ATOM 148 C C    . HIS A 1 10 ? -10.773 -0.373 -10.140 1.00 24.07 ? 10 HIS A C    1 
ATOM 149 O O    . HIS A 1 10 ? -11.168 0.756  -9.829  1.00 22.65 ? 10 HIS A O    1 
ATOM 150 C CB   . HIS A 1 10 ? -11.443 -1.885 -8.253  1.00 27.12 ? 10 HIS A CB   1 
ATOM 151 C CG   . HIS A 1 10 ? -11.033 -2.929 -7.267  1.00 34.72 ? 10 HIS A CG   1 
ATOM 152 N ND1  . HIS A 1 10 ? -11.385 -4.258 -7.396  1.00 45.62 ? 10 HIS A ND1  1 
ATOM 153 C CD2  . HIS A 1 10 ? -10.267 -2.850 -6.152  1.00 50.36 ? 10 HIS A CD2  1 
ATOM 154 C CE1  . HIS A 1 10 ? -10.868 -4.949 -6.393  1.00 48.55 ? 10 HIS A CE1  1 
ATOM 155 N NE2  . HIS A 1 10 ? -10.183 -4.118 -5.624  1.00 50.60 ? 10 HIS A NE2  1 
ATOM 156 H H    . HIS A 1 10 ? -9.670  0.133  -7.765  1.00 19.16 ? 10 HIS A H    1 
ATOM 157 H HA   . HIS A 1 10 ? -9.879  -2.122 -9.525  1.00 23.15 ? 10 HIS A HA   1 
ATOM 158 H HB2  . HIS A 1 10 ? -11.841 -1.150 -7.760  1.00 27.69 ? 10 HIS A HB2  1 
ATOM 159 H HB3  . HIS A 1 10 ? -12.099 -2.278 -8.849  1.00 27.69 ? 10 HIS A HB3  1 
ATOM 160 H HD1  . HIS A 1 10 ? -11.872 -4.585 -8.027  1.00 43.40 ? 10 HIS A HD1  1 
ATOM 161 H HD2  . HIS A 1 10 ? -9.874  -2.078 -5.805  1.00 46.08 ? 10 HIS A HD2  1 
ATOM 162 H HE1  . HIS A 1 10 ? -10.971 -5.863 -6.253  1.00 48.23 ? 10 HIS A HE1  1 
ATOM 163 H HE2  . HIS A 1 10 ? -9.758  -4.333 -4.907  1.00 49.91 ? 10 HIS A HE2  1 
ATOM 164 N N    . ILE A 1 11 ? -10.713 -0.819 -11.395 1.00 27.51 ? 11 ILE A N    1 
ATOM 165 C CA   . ILE A 1 11 ? -11.294 -0.112 -12.537 1.00 26.21 ? 11 ILE A CA   1 
ATOM 166 C C    . ILE A 1 11 ? -12.285 -1.052 -13.241 1.00 29.55 ? 11 ILE A C    1 
ATOM 167 O O    . ILE A 1 11 ? -12.025 -2.245 -13.437 1.00 29.10 ? 11 ILE A O    1 
ATOM 168 C CB   . ILE A 1 11 ? -10.217 0.363  -13.537 1.00 25.38 ? 11 ILE A CB   1 
ATOM 169 C CG1  . ILE A 1 11 ? -9.157  1.215  -12.825 1.00 26.05 ? 11 ILE A CG1  1 
ATOM 170 C CG2  . ILE A 1 11 ? -10.862 1.122  -14.699 1.00 30.48 ? 11 ILE A CG2  1 
ATOM 171 C CD1  . ILE A 1 11 ? -8.135  1.862  -13.746 1.00 29.65 ? 11 ILE A CD1  1 
ATOM 172 H H    . ILE A 1 11 ? -10.259 -1.680 -11.666 1.00 26.36 ? 11 ILE A H    1 
ATOM 173 H HA   . ILE A 1 11 ? -11.791 0.677  -12.242 1.00 26.87 ? 11 ILE A HA   1 
ATOM 174 H HB   . ILE A 1 11 ? -9.777  -0.422 -13.898 1.00 26.58 ? 11 ILE A HB   1 
ATOM 175 H HG12 . ILE A 1 11 ? -9.604  1.925  -12.339 1.00 26.70 ? 11 ILE A HG12 1 
ATOM 176 H HG13 . ILE A 1 11 ? -8.666  0.654  -12.205 1.00 26.70 ? 11 ILE A HG13 1 
ATOM 177 H HG21 . ILE A 1 11 ? -11.337 0.503  -15.260 1.00 28.82 ? 11 ILE A HG21 1 
ATOM 178 H HG22 . ILE A 1 11 ? -10.192 1.560  -15.225 1.00 28.82 ? 11 ILE A HG22 1 
ATOM 179 H HG23 . ILE A 1 11 ? -11.472 1.772  -14.342 1.00 28.82 ? 11 ILE A HG23 1 
ATOM 180 H HD11 . ILE A 1 11 ? -7.936  1.254  -14.466 1.00 28.49 ? 11 ILE A HD11 1 
ATOM 181 H HD12 . ILE A 1 11 ? -7.335  2.052  -13.244 1.00 28.49 ? 11 ILE A HD12 1 
ATOM 182 H HD13 . ILE A 1 11 ? -8.505  2.678  -14.098 1.00 28.49 ? 11 ILE A HD13 1 
# 
